data_6BO6
#
_entry.id   6BO6
#
_cell.length_a   179.443
_cell.length_b   179.443
_cell.length_c   133.778
_cell.angle_alpha   90.00
_cell.angle_beta   90.00
_cell.angle_gamma   120.00
#
_symmetry.space_group_name_H-M   'P 64 2 2'
#
loop_
_entity.id
_entity.type
_entity.pdbx_description
1 polymer 'Glycoside Hydrolase Family 2 candidate b-glucuronidase'
2 non-polymer "4-(4-beta-D-glucopyranuronosylpiperazin-1-yl)-2,7-bis(methylamino)pyrido[3',2':4,5]thieno[3,2-d]pyrimidine"
3 water water
#
_entity_poly.entity_id   1
_entity_poly.type   'polypeptide(L)'
_entity_poly.pdbx_seq_one_letter_code
;MLYPVLTQSRLLSDLSGVWDFKLDNGKGFEEKWYEKPLKDADTMPVPASYNDLKEGTDFRDHYGWVFYQRNISVPEYVKS
QRIVLRCAAVTHYAMIYLNGKLICEHKGGFLPFEVELNDDLQDGDNLLTIAVNNVIDYTTLPVGGKANMMSGMMGGMGAG
ASDKPQNNPNFDFFNYCGITRPVKIYTTPETYINDITVTADIDFTKEEPSAVLNYNVEIKGKDYNNITCKVELFDEEGTK
LSETEGSEGTFEISNVRLWQPLNAYLYKIKVTAGQDVYTLPYGVRSVRVDGTKFLINEKPFYFKGYGKHEDTFPNGRGIN
LPMNTKDISIMKWQHANSFRTSHYPYSEEMMRLCDEEGIVVIDETTAVGVNLQFGGGANFGGERIGTFDKEHGVQTQEHH
KDVIRDLISRDKNHACVVMWSIANEPDSAAEGAYDYFKPLYDLARELDPQKRPCTLVSVQGTTADTDCSSQLSDVICLNR
YYGWYFGGPDLEVSEIGLRKELSDWGKLGKPVMFTEYGADTVSGLHDTTSVMYTEEYQVEYYEMNNKVFDEFDFVVGEQA
WNFADFATSQSLLRVQGNKKGLFTRDRKPKMVAHYFRNRWSTIPEFGYKTK
;
_entity_poly.pdbx_strand_id   A
#
loop_
_chem_comp.id
_chem_comp.type
_chem_comp.name
_chem_comp.formula
E0V non-polymer 4-(4-beta-D-glucopyranuronosylpiperazin-1-yl)-2,7-bis(methylamino)pyrido[3',2':4,5]thieno[3,2-d]pyrimidine 'C21 H27 N7 O6 S'
#
# COMPACT_ATOMS: atom_id res chain seq x y z
N SER A 13 -10.95 6.09 -25.32
CA SER A 13 -11.60 7.32 -24.87
C SER A 13 -11.81 7.35 -23.35
N ASP A 14 -11.14 8.31 -22.70
CA ASP A 14 -11.23 8.44 -21.25
C ASP A 14 -12.58 9.02 -20.84
N LEU A 15 -13.23 8.37 -19.88
CA LEU A 15 -14.48 8.86 -19.31
C LEU A 15 -14.26 9.78 -18.13
N SER A 16 -13.02 10.14 -17.84
CA SER A 16 -12.71 10.92 -16.66
C SER A 16 -13.34 12.31 -16.74
N GLY A 17 -14.05 12.67 -15.69
CA GLY A 17 -14.69 13.97 -15.62
C GLY A 17 -15.52 14.05 -14.35
N VAL A 18 -16.40 15.04 -14.33
CA VAL A 18 -17.32 15.21 -13.20
C VAL A 18 -18.60 14.47 -13.55
N TRP A 19 -18.96 13.49 -12.73
CA TRP A 19 -20.15 12.68 -12.94
C TRP A 19 -21.25 13.11 -12.00
N ASP A 20 -22.44 12.54 -12.21
CA ASP A 20 -23.50 12.66 -11.22
C ASP A 20 -23.18 11.76 -10.03
N PHE A 21 -23.64 12.17 -8.85
CA PHE A 21 -23.24 11.49 -7.63
C PHE A 21 -24.31 11.66 -6.56
N LYS A 22 -24.55 10.60 -5.81
CA LYS A 22 -25.49 10.61 -4.71
C LYS A 22 -25.13 9.50 -3.73
N LEU A 23 -25.39 9.73 -2.45
CA LEU A 23 -25.20 8.70 -1.43
C LEU A 23 -26.51 7.99 -1.13
N ASP A 24 -26.42 6.69 -0.90
CA ASP A 24 -27.58 5.86 -0.59
C ASP A 24 -28.00 6.08 0.86
N ASN A 25 -29.29 5.81 1.15
CA ASN A 25 -29.95 6.38 2.32
C ASN A 25 -30.67 5.48 3.34
N GLY A 26 -30.75 4.15 3.18
CA GLY A 26 -30.23 3.33 2.12
C GLY A 26 -31.32 2.69 1.26
N LYS A 27 -32.38 3.45 1.01
CA LYS A 27 -33.47 2.99 0.17
C LYS A 27 -33.19 3.24 -1.30
N GLY A 28 -31.99 2.86 -1.76
CA GLY A 28 -31.56 3.17 -3.11
C GLY A 28 -31.80 2.04 -4.09
N PHE A 29 -31.45 0.82 -3.70
CA PHE A 29 -31.64 -0.32 -4.57
C PHE A 29 -33.12 -0.70 -4.70
N GLU A 30 -33.92 -0.41 -3.68
CA GLU A 30 -35.36 -0.57 -3.79
C GLU A 30 -35.92 0.29 -4.91
N GLU A 31 -35.68 1.61 -4.83
CA GLU A 31 -36.22 2.55 -5.80
C GLU A 31 -35.55 2.45 -7.16
N LYS A 32 -34.59 1.53 -7.33
CA LYS A 32 -33.99 1.24 -8.62
C LYS A 32 -33.38 2.50 -9.24
N TRP A 33 -32.50 3.16 -8.48
CA TRP A 33 -31.86 4.38 -8.95
C TRP A 33 -30.99 4.14 -10.18
N TYR A 34 -30.49 2.91 -10.37
CA TYR A 34 -29.62 2.64 -11.51
C TYR A 34 -30.36 2.63 -12.83
N GLU A 35 -31.70 2.72 -12.82
CA GLU A 35 -32.47 2.76 -14.04
C GLU A 35 -32.69 4.17 -14.53
N LYS A 36 -33.31 5.01 -13.70
CA LYS A 36 -33.61 6.40 -14.01
C LYS A 36 -32.44 7.31 -13.63
N PRO A 37 -32.33 8.48 -14.25
CA PRO A 37 -31.30 9.43 -13.84
C PRO A 37 -31.53 9.92 -12.42
N LEU A 38 -30.43 10.15 -11.70
CA LEU A 38 -30.50 10.42 -10.27
C LEU A 38 -31.06 11.81 -10.02
N LYS A 39 -32.12 11.88 -9.22
CA LYS A 39 -32.70 13.15 -8.81
C LYS A 39 -32.05 13.63 -7.52
N ASP A 40 -32.01 14.95 -7.33
CA ASP A 40 -31.38 15.57 -6.17
C ASP A 40 -29.92 15.13 -6.03
N ALA A 41 -29.21 15.06 -7.15
CA ALA A 41 -27.86 14.51 -7.18
C ALA A 41 -26.82 15.60 -6.97
N ASP A 42 -25.63 15.16 -6.59
CA ASP A 42 -24.46 15.99 -6.37
C ASP A 42 -23.50 15.82 -7.54
N THR A 43 -22.32 16.42 -7.43
CA THR A 43 -21.30 16.33 -8.47
C THR A 43 -20.02 15.73 -7.87
N MET A 44 -19.29 14.99 -8.70
CA MET A 44 -18.10 14.30 -8.23
C MET A 44 -17.17 14.01 -9.40
N PRO A 45 -15.92 14.47 -9.35
CA PRO A 45 -14.97 14.16 -10.42
C PRO A 45 -14.41 12.76 -10.28
N VAL A 46 -14.23 12.10 -11.42
CA VAL A 46 -13.54 10.81 -11.44
C VAL A 46 -12.36 10.94 -12.39
N PRO A 47 -11.23 10.28 -12.10
CA PRO A 47 -10.99 9.43 -10.93
C PRO A 47 -10.63 10.21 -9.67
N ALA A 48 -11.26 9.86 -8.54
CA ALA A 48 -10.94 10.50 -7.27
C ALA A 48 -11.67 9.78 -6.14
N SER A 49 -11.05 9.77 -4.96
CA SER A 49 -11.76 9.36 -3.75
C SER A 49 -12.72 10.46 -3.35
N TYR A 50 -13.97 10.09 -3.09
CA TYR A 50 -14.99 11.10 -2.84
C TYR A 50 -14.97 11.64 -1.41
N ASN A 51 -14.18 11.06 -0.51
CA ASN A 51 -14.39 11.28 0.91
C ASN A 51 -14.09 12.71 1.31
N ASP A 52 -13.10 13.32 0.67
CA ASP A 52 -12.64 14.66 1.03
C ASP A 52 -13.16 15.74 0.10
N LEU A 53 -14.03 15.39 -0.83
CA LEU A 53 -14.48 16.33 -1.86
C LEU A 53 -15.76 17.06 -1.49
N LYS A 54 -16.40 16.71 -0.38
CA LYS A 54 -17.48 17.50 0.18
C LYS A 54 -17.18 17.77 1.64
N GLU A 55 -18.04 18.56 2.28
CA GLU A 55 -17.82 18.97 3.65
C GLU A 55 -18.77 18.22 4.57
N GLY A 56 -18.33 18.04 5.80
CA GLY A 56 -19.17 17.46 6.83
C GLY A 56 -18.70 16.07 7.18
N THR A 57 -18.72 15.77 8.50
CA THR A 57 -18.26 14.47 8.97
C THR A 57 -19.15 13.34 8.43
N ASP A 58 -20.46 13.59 8.33
CA ASP A 58 -21.37 12.57 7.84
C ASP A 58 -21.10 12.18 6.38
N PHE A 59 -20.51 13.08 5.60
CA PHE A 59 -20.12 12.71 4.25
C PHE A 59 -18.78 11.99 4.21
N ARG A 60 -17.80 12.49 4.97
CA ARG A 60 -16.48 11.89 4.94
C ARG A 60 -16.51 10.48 5.55
N ASP A 61 -17.31 10.29 6.58
CA ASP A 61 -17.41 9.01 7.28
C ASP A 61 -18.64 8.22 6.85
N HIS A 62 -19.10 8.41 5.62
CA HIS A 62 -20.31 7.74 5.15
C HIS A 62 -20.11 6.23 5.10
N TYR A 63 -21.13 5.50 5.56
CA TYR A 63 -21.12 4.05 5.61
C TYR A 63 -22.13 3.50 4.60
N GLY A 64 -21.63 2.74 3.63
CA GLY A 64 -22.54 2.10 2.69
C GLY A 64 -22.19 2.23 1.23
N TRP A 65 -23.18 2.60 0.43
CA TRP A 65 -23.05 2.67 -1.02
C TRP A 65 -23.10 4.11 -1.50
N VAL A 66 -22.42 4.37 -2.62
CA VAL A 66 -22.52 5.62 -3.35
C VAL A 66 -22.82 5.28 -4.81
N PHE A 67 -23.44 6.22 -5.50
CA PHE A 67 -23.92 6.00 -6.86
C PHE A 67 -23.28 7.01 -7.81
N TYR A 68 -22.33 6.55 -8.61
CA TYR A 68 -21.82 7.32 -9.74
C TYR A 68 -22.68 7.04 -10.96
N GLN A 69 -22.78 8.03 -11.84
CA GLN A 69 -23.48 7.84 -13.11
C GLN A 69 -23.00 8.87 -14.13
N ARG A 70 -22.98 8.45 -15.40
CA ARG A 70 -22.50 9.28 -16.49
C ARG A 70 -23.09 8.78 -17.80
N ASN A 71 -23.51 9.71 -18.66
CA ASN A 71 -24.07 9.33 -19.94
C ASN A 71 -22.98 8.79 -20.87
N ILE A 72 -23.41 8.10 -21.93
CA ILE A 72 -22.51 7.50 -22.90
C ILE A 72 -23.08 7.76 -24.30
N SER A 73 -22.23 7.57 -25.31
CA SER A 73 -22.61 7.76 -26.69
C SER A 73 -21.52 7.20 -27.59
N VAL A 74 -21.92 6.61 -28.72
CA VAL A 74 -20.97 6.12 -29.72
C VAL A 74 -21.40 6.54 -31.12
N LEU A 85 -14.99 -1.27 -21.74
CA LEU A 85 -15.00 -0.53 -20.47
C LEU A 85 -14.10 -1.20 -19.46
N ARG A 86 -13.05 -0.50 -19.06
CA ARG A 86 -12.06 -0.99 -18.10
C ARG A 86 -11.98 -0.03 -16.93
N CYS A 87 -12.40 -0.49 -15.75
CA CYS A 87 -12.21 0.25 -14.52
C CYS A 87 -10.82 -0.05 -13.96
N ALA A 88 -9.97 0.97 -13.91
CA ALA A 88 -8.60 0.74 -13.45
C ALA A 88 -8.56 0.41 -11.97
N ALA A 89 -9.55 0.88 -11.20
CA ALA A 89 -9.71 0.50 -9.80
C ALA A 89 -10.99 1.13 -9.28
N VAL A 90 -11.74 0.36 -8.49
CA VAL A 90 -12.95 0.84 -7.81
C VAL A 90 -12.92 0.31 -6.39
N THR A 91 -12.85 1.21 -5.41
CA THR A 91 -12.61 0.87 -4.01
C THR A 91 -13.89 0.99 -3.22
N HIS A 92 -14.39 -0.12 -2.68
CA HIS A 92 -13.76 -1.43 -2.78
C HIS A 92 -14.54 -2.34 -3.73
N TYR A 93 -15.86 -2.29 -3.61
CA TYR A 93 -16.78 -3.17 -4.32
C TYR A 93 -17.53 -2.37 -5.39
N ALA A 94 -17.45 -2.82 -6.63
CA ALA A 94 -18.07 -2.15 -7.77
C ALA A 94 -19.29 -2.94 -8.25
N MET A 95 -20.29 -2.19 -8.73
CA MET A 95 -21.52 -2.75 -9.30
C MET A 95 -21.90 -1.89 -10.49
N ILE A 96 -21.55 -2.34 -11.68
CA ILE A 96 -21.74 -1.57 -12.90
C ILE A 96 -23.12 -1.88 -13.50
N TYR A 97 -23.77 -0.84 -14.03
CA TYR A 97 -25.08 -0.96 -14.64
C TYR A 97 -25.08 -0.31 -16.02
N LEU A 98 -26.16 -0.52 -16.75
CA LEU A 98 -26.40 0.11 -18.06
C LEU A 98 -27.86 -0.03 -18.41
N ASN A 99 -28.58 1.09 -18.46
CA ASN A 99 -30.03 1.14 -18.65
C ASN A 99 -30.78 0.38 -17.56
N GLY A 100 -30.08 -0.05 -16.51
CA GLY A 100 -30.67 -0.82 -15.42
C GLY A 100 -30.10 -2.22 -15.30
N LYS A 101 -29.65 -2.80 -16.41
CA LYS A 101 -29.16 -4.18 -16.42
C LYS A 101 -27.75 -4.23 -15.86
N LEU A 102 -27.56 -5.02 -14.80
CA LEU A 102 -26.23 -5.20 -14.21
C LEU A 102 -25.29 -5.87 -15.21
N ILE A 103 -24.10 -5.30 -15.36
CA ILE A 103 -23.14 -5.86 -16.30
C ILE A 103 -22.00 -6.51 -15.54
N CYS A 104 -21.67 -5.96 -14.38
CA CYS A 104 -20.48 -6.42 -13.70
C CYS A 104 -20.64 -6.36 -12.19
N GLU A 105 -19.78 -7.11 -11.54
CA GLU A 105 -19.50 -7.03 -10.13
C GLU A 105 -18.01 -7.26 -9.94
N HIS A 106 -17.42 -6.57 -8.97
CA HIS A 106 -16.00 -6.75 -8.70
C HIS A 106 -15.72 -6.50 -7.22
N LYS A 107 -15.01 -7.43 -6.59
CA LYS A 107 -14.52 -7.29 -5.23
C LYS A 107 -13.01 -7.15 -5.28
N GLY A 108 -12.49 -6.02 -4.81
CA GLY A 108 -11.08 -5.71 -4.94
C GLY A 108 -10.86 -4.28 -5.36
N GLY A 109 -10.47 -3.43 -4.41
CA GLY A 109 -10.49 -2.01 -4.61
C GLY A 109 -9.24 -1.38 -5.22
N PHE A 110 -8.26 -2.17 -5.65
CA PHE A 110 -7.00 -1.58 -6.08
C PHE A 110 -6.39 -2.30 -7.29
N LEU A 111 -7.19 -3.00 -8.09
CA LEU A 111 -6.69 -3.68 -9.27
C LEU A 111 -7.76 -3.61 -10.36
N PRO A 112 -7.36 -3.61 -11.63
CA PRO A 112 -8.33 -3.33 -12.71
C PRO A 112 -9.23 -4.50 -13.01
N PHE A 113 -10.36 -4.18 -13.63
CA PHE A 113 -11.30 -5.16 -14.15
C PHE A 113 -12.04 -4.53 -15.32
N GLU A 114 -12.52 -5.37 -16.24
CA GLU A 114 -13.19 -4.87 -17.43
C GLU A 114 -14.37 -5.78 -17.78
N VAL A 115 -15.24 -5.25 -18.64
CA VAL A 115 -16.41 -5.97 -19.13
C VAL A 115 -16.57 -5.69 -20.62
N GLU A 116 -17.24 -6.62 -21.31
CA GLU A 116 -17.55 -6.44 -22.72
C GLU A 116 -18.82 -5.62 -22.88
N LEU A 117 -18.84 -4.74 -23.89
CA LEU A 117 -19.97 -3.85 -24.05
C LEU A 117 -20.53 -3.81 -25.47
N ASN A 118 -20.06 -4.67 -26.38
CA ASN A 118 -20.72 -4.76 -27.67
C ASN A 118 -22.21 -5.01 -27.49
N ASP A 119 -22.55 -6.01 -26.69
CA ASP A 119 -23.92 -6.16 -26.21
C ASP A 119 -24.22 -5.13 -25.13
N ASP A 120 -25.52 -4.82 -24.96
CA ASP A 120 -26.10 -3.97 -23.93
C ASP A 120 -25.96 -2.48 -24.23
N LEU A 121 -25.27 -2.09 -25.30
CA LEU A 121 -25.04 -0.69 -25.64
C LEU A 121 -26.06 -0.29 -26.72
N GLN A 122 -27.18 0.29 -26.29
CA GLN A 122 -28.23 0.66 -27.22
C GLN A 122 -27.92 2.00 -27.87
N ASP A 123 -28.26 2.12 -29.16
CA ASP A 123 -28.30 3.39 -29.89
C ASP A 123 -27.16 4.34 -29.54
N GLY A 124 -27.47 5.43 -28.86
CA GLY A 124 -26.49 6.41 -28.46
C GLY A 124 -26.59 6.87 -27.02
N ASP A 125 -27.65 7.60 -26.67
CA ASP A 125 -27.79 8.19 -25.34
C ASP A 125 -28.14 7.10 -24.33
N ASN A 126 -27.13 6.63 -23.60
CA ASN A 126 -27.33 5.57 -22.62
C ASN A 126 -26.83 6.01 -21.25
N LEU A 127 -27.16 5.20 -20.25
CA LEU A 127 -27.03 5.55 -18.84
C LEU A 127 -26.11 4.56 -18.15
N LEU A 128 -24.88 4.98 -17.87
CA LEU A 128 -23.89 4.15 -17.19
C LEU A 128 -23.86 4.52 -15.72
N THR A 129 -24.18 3.56 -14.86
CA THR A 129 -24.21 3.76 -13.41
C THR A 129 -23.18 2.84 -12.77
N ILE A 130 -22.41 3.39 -11.84
CA ILE A 130 -21.43 2.62 -11.08
C ILE A 130 -21.75 2.81 -9.60
N ALA A 131 -22.11 1.71 -8.93
CA ALA A 131 -22.37 1.73 -7.50
C ALA A 131 -21.14 1.22 -6.78
N VAL A 132 -20.73 1.92 -5.73
CA VAL A 132 -19.50 1.64 -5.02
C VAL A 132 -19.81 1.47 -3.54
N ASN A 133 -19.27 0.42 -2.94
CA ASN A 133 -19.46 0.13 -1.51
C ASN A 133 -18.13 0.30 -0.80
N ASN A 134 -18.19 0.72 0.47
CA ASN A 134 -16.99 0.97 1.25
C ASN A 134 -16.85 0.09 2.47
N VAL A 135 -17.79 -0.84 2.71
CA VAL A 135 -17.76 -1.64 3.93
C VAL A 135 -16.58 -2.58 3.92
N ILE A 136 -15.89 -2.66 5.06
CA ILE A 136 -14.74 -3.55 5.24
C ILE A 136 -15.01 -4.40 6.47
N ASP A 137 -14.58 -5.66 6.40
CA ASP A 137 -14.79 -6.62 7.49
C ASP A 137 -13.73 -7.72 7.43
N TYR A 138 -14.05 -8.89 7.98
CA TYR A 138 -13.09 -9.99 7.95
C TYR A 138 -13.05 -10.69 6.59
N THR A 139 -13.90 -10.30 5.65
CA THR A 139 -13.91 -10.90 4.33
C THR A 139 -13.20 -10.07 3.29
N THR A 140 -12.75 -8.87 3.63
CA THR A 140 -12.20 -7.93 2.67
C THR A 140 -10.69 -7.82 2.84
N LEU A 141 -10.05 -7.37 1.77
CA LEU A 141 -8.62 -7.05 1.80
C LEU A 141 -8.46 -5.66 1.22
N PRO A 142 -8.16 -4.63 2.05
CA PRO A 142 -7.83 -4.71 3.48
C PRO A 142 -9.01 -5.09 4.37
N VAL A 143 -8.71 -5.62 5.55
CA VAL A 143 -9.75 -6.11 6.44
C VAL A 143 -10.14 -5.00 7.40
N GLY A 144 -11.42 -4.94 7.74
CA GLY A 144 -11.93 -3.98 8.71
C GLY A 144 -12.28 -4.68 10.02
N GLY A 145 -11.77 -4.13 11.11
CA GLY A 145 -12.05 -4.64 12.43
C GLY A 145 -13.39 -4.15 12.95
N LYS A 146 -13.57 -4.28 14.26
CA LYS A 146 -14.78 -3.84 14.93
C LYS A 146 -14.59 -2.61 15.80
N ALA A 147 -13.36 -2.09 15.90
CA ALA A 147 -13.06 -0.90 16.70
C ALA A 147 -11.82 -0.24 16.13
N ASN A 148 -11.33 0.78 16.83
CA ASN A 148 -10.18 1.53 16.36
C ASN A 148 -8.89 0.73 16.57
N MET A 149 -8.02 0.76 15.56
CA MET A 149 -6.80 -0.04 15.57
C MET A 149 -5.81 0.48 16.63
N MET A 150 -5.53 1.77 16.62
CA MET A 150 -4.59 2.38 17.57
C MET A 150 -5.26 2.69 18.91
N PRO A 165 -23.19 2.85 13.16
CA PRO A 165 -22.80 2.11 11.96
C PRO A 165 -21.60 2.77 11.28
N GLN A 166 -20.44 2.12 11.31
CA GLN A 166 -19.22 2.74 10.85
C GLN A 166 -18.20 1.66 10.49
N ASN A 167 -17.30 2.00 9.57
CA ASN A 167 -16.16 1.16 9.26
C ASN A 167 -15.04 1.47 10.24
N ASN A 168 -14.43 0.42 10.79
CA ASN A 168 -13.31 0.58 11.72
C ASN A 168 -12.10 -0.15 11.14
N PRO A 169 -11.20 0.56 10.47
CA PRO A 169 -10.11 -0.13 9.75
C PRO A 169 -9.17 -0.85 10.68
N ASN A 170 -8.75 -2.04 10.26
CA ASN A 170 -7.66 -2.77 10.91
C ASN A 170 -6.31 -2.39 10.32
N PHE A 171 -6.20 -1.19 9.80
CA PHE A 171 -5.01 -0.69 9.14
C PHE A 171 -4.87 0.80 9.44
N ASP A 172 -3.66 1.31 9.32
CA ASP A 172 -3.35 2.68 9.72
C ASP A 172 -3.33 3.61 8.50
N PHE A 173 -4.44 3.63 7.77
CA PHE A 173 -4.65 4.68 6.78
C PHE A 173 -6.14 4.84 6.55
N PHE A 174 -6.53 5.97 5.97
CA PHE A 174 -7.95 6.29 5.88
C PHE A 174 -8.62 5.47 4.78
N ASN A 175 -9.89 5.13 5.03
CA ASN A 175 -10.66 4.28 4.13
C ASN A 175 -11.25 5.11 2.99
N TYR A 176 -10.34 5.62 2.15
CA TYR A 176 -10.77 6.35 0.97
C TYR A 176 -11.43 5.42 -0.02
N CYS A 177 -12.56 5.82 -0.58
CA CYS A 177 -13.30 4.97 -1.50
C CYS A 177 -13.87 5.81 -2.64
N GLY A 178 -14.47 5.12 -3.59
CA GLY A 178 -14.96 5.72 -4.83
C GLY A 178 -14.19 5.18 -6.03
N ILE A 179 -14.41 5.82 -7.18
CA ILE A 179 -13.72 5.43 -8.40
C ILE A 179 -12.32 6.03 -8.38
N THR A 180 -11.38 5.32 -7.73
CA THR A 180 -10.08 5.93 -7.45
C THR A 180 -9.25 6.10 -8.70
N ARG A 181 -9.36 5.18 -9.64
CA ARG A 181 -8.53 5.18 -10.82
C ARG A 181 -9.39 5.32 -12.07
N PRO A 182 -8.82 5.72 -13.20
CA PRO A 182 -9.64 6.15 -14.33
C PRO A 182 -10.50 5.03 -14.91
N VAL A 183 -11.61 5.44 -15.53
CA VAL A 183 -12.48 4.54 -16.29
C VAL A 183 -12.35 4.92 -17.76
N LYS A 184 -11.90 3.98 -18.58
CA LYS A 184 -11.61 4.25 -19.98
C LYS A 184 -12.31 3.22 -20.87
N ILE A 185 -12.58 3.63 -22.11
CA ILE A 185 -13.24 2.80 -23.11
C ILE A 185 -12.24 2.50 -24.22
N TYR A 186 -12.14 1.24 -24.62
CA TYR A 186 -11.25 0.85 -25.70
C TYR A 186 -11.79 -0.34 -26.49
N LEU A 258 21.31 -2.86 -20.58
CA LEU A 258 20.70 -3.45 -19.40
C LEU A 258 19.96 -2.40 -18.57
N TRP A 259 18.75 -2.73 -18.12
CA TRP A 259 18.05 -1.88 -17.17
C TRP A 259 18.81 -1.81 -15.85
N GLN A 260 18.90 -0.62 -15.29
CA GLN A 260 19.63 -0.44 -14.05
C GLN A 260 18.87 0.50 -13.14
N PRO A 261 19.01 0.33 -11.82
CA PRO A 261 18.40 1.30 -10.90
C PRO A 261 19.00 2.68 -11.10
N LEU A 262 18.14 3.69 -11.20
CA LEU A 262 18.50 5.08 -11.45
C LEU A 262 19.20 5.27 -12.79
N ASN A 263 19.14 4.27 -13.67
CA ASN A 263 19.80 4.28 -14.97
C ASN A 263 18.99 3.39 -15.91
N ALA A 264 17.75 3.78 -16.17
CA ALA A 264 16.82 2.93 -16.89
C ALA A 264 17.06 2.97 -18.40
N TYR A 265 16.81 1.83 -19.03
CA TYR A 265 16.80 1.70 -20.48
C TYR A 265 15.74 0.66 -20.82
N LEU A 266 14.71 1.05 -21.55
CA LEU A 266 13.63 0.17 -21.94
C LEU A 266 13.54 0.08 -23.45
N TYR A 267 13.80 -1.12 -23.98
CA TYR A 267 13.42 -1.40 -25.36
C TYR A 267 11.89 -1.38 -25.50
N LYS A 268 11.42 -1.34 -26.74
CA LYS A 268 10.01 -1.46 -27.03
C LYS A 268 9.73 -2.80 -27.71
N ILE A 269 8.45 -3.18 -27.75
CA ILE A 269 8.07 -4.44 -28.39
C ILE A 269 6.75 -4.28 -29.12
N TYR A 278 -0.64 -3.84 -30.58
CA TYR A 278 -0.23 -3.40 -29.26
C TYR A 278 1.28 -3.25 -29.14
N THR A 279 1.70 -2.17 -28.48
CA THR A 279 3.11 -1.88 -28.22
C THR A 279 3.32 -1.86 -26.71
N LEU A 280 4.34 -2.58 -26.25
CA LEU A 280 4.63 -2.68 -24.83
C LEU A 280 6.10 -2.40 -24.58
N PRO A 281 6.44 -1.50 -23.67
CA PRO A 281 7.85 -1.29 -23.33
C PRO A 281 8.34 -2.34 -22.36
N TYR A 282 9.63 -2.66 -22.46
CA TYR A 282 10.22 -3.69 -21.64
C TYR A 282 11.67 -3.35 -21.34
N GLY A 283 12.12 -3.72 -20.14
CA GLY A 283 13.50 -3.51 -19.74
C GLY A 283 14.15 -4.81 -19.31
N VAL A 284 15.41 -4.99 -19.70
CA VAL A 284 16.11 -6.25 -19.44
C VAL A 284 16.92 -6.13 -18.16
N ARG A 285 16.70 -7.07 -17.25
CA ARG A 285 17.43 -7.07 -15.98
C ARG A 285 17.25 -8.40 -15.30
N SER A 286 18.28 -8.83 -14.58
CA SER A 286 18.26 -10.06 -13.81
C SER A 286 18.17 -9.74 -12.33
N VAL A 287 17.34 -10.46 -11.61
CA VAL A 287 17.22 -10.31 -10.16
C VAL A 287 17.08 -11.69 -9.55
N ARG A 288 17.90 -11.97 -8.55
CA ARG A 288 17.84 -13.21 -7.79
C ARG A 288 18.67 -13.06 -6.53
N VAL A 289 18.39 -13.90 -5.53
CA VAL A 289 18.99 -13.83 -4.21
C VAL A 289 20.08 -14.90 -4.09
N ASP A 290 21.25 -14.50 -3.59
CA ASP A 290 22.33 -15.43 -3.30
C ASP A 290 22.78 -15.20 -1.86
N GLY A 291 22.53 -16.17 -0.99
CA GLY A 291 22.97 -16.06 0.39
C GLY A 291 22.33 -14.90 1.12
N THR A 292 23.13 -13.90 1.48
CA THR A 292 22.67 -12.68 2.14
C THR A 292 22.77 -11.46 1.22
N LYS A 293 22.69 -11.69 -0.08
CA LYS A 293 22.92 -10.65 -1.08
C LYS A 293 21.70 -10.55 -1.99
N PHE A 294 21.23 -9.32 -2.20
CA PHE A 294 20.20 -9.03 -3.19
C PHE A 294 20.89 -8.48 -4.42
N LEU A 295 20.82 -9.21 -5.52
CA LEU A 295 21.57 -8.88 -6.72
C LEU A 295 20.62 -8.53 -7.84
N ILE A 296 20.81 -7.34 -8.42
CA ILE A 296 20.21 -6.97 -9.68
C ILE A 296 21.33 -6.94 -10.71
N ASN A 297 21.17 -7.70 -11.79
CA ASN A 297 22.23 -7.88 -12.78
C ASN A 297 23.52 -8.36 -12.11
N GLU A 298 23.38 -9.28 -11.16
CA GLU A 298 24.52 -9.94 -10.51
C GLU A 298 25.42 -8.96 -9.76
N LYS A 299 24.84 -7.86 -9.25
CA LYS A 299 25.59 -6.93 -8.43
C LYS A 299 24.86 -6.71 -7.10
N PRO A 300 25.61 -6.61 -6.00
CA PRO A 300 24.97 -6.50 -4.67
C PRO A 300 24.24 -5.19 -4.40
N PHE A 301 22.92 -5.21 -4.50
CA PHE A 301 22.11 -4.01 -4.38
C PHE A 301 21.87 -3.64 -2.90
N TYR A 302 21.57 -2.35 -2.69
CA TYR A 302 21.13 -1.85 -1.39
C TYR A 302 19.89 -0.98 -1.61
N PHE A 303 18.80 -1.35 -0.93
CA PHE A 303 17.57 -0.58 -1.05
C PHE A 303 17.67 0.75 -0.31
N LYS A 304 17.40 1.84 -1.02
CA LYS A 304 17.34 3.18 -0.44
C LYS A 304 16.00 3.79 -0.81
N GLY A 305 15.24 4.19 0.19
CA GLY A 305 13.91 4.70 -0.08
C GLY A 305 12.95 4.65 1.09
N TYR A 306 11.70 4.31 0.82
CA TYR A 306 10.65 4.45 1.80
C TYR A 306 9.50 3.52 1.46
N GLY A 307 8.57 3.41 2.42
CA GLY A 307 7.25 2.91 2.12
C GLY A 307 6.37 4.11 1.79
N LYS A 308 5.64 3.99 0.70
CA LYS A 308 4.87 5.11 0.19
C LYS A 308 3.38 4.88 0.46
N HIS A 309 2.59 5.85 0.03
CA HIS A 309 1.14 5.75 0.06
C HIS A 309 0.63 6.51 -1.14
N GLU A 310 -0.43 6.01 -1.75
CA GLU A 310 -1.20 6.81 -2.70
C GLU A 310 -2.09 7.70 -1.84
N ASP A 311 -1.57 8.88 -1.49
CA ASP A 311 -2.24 9.82 -0.59
C ASP A 311 -1.88 11.22 -1.03
N THR A 312 -2.86 11.97 -1.52
CA THR A 312 -2.71 13.39 -1.78
C THR A 312 -3.98 14.10 -1.36
N PHE A 313 -3.92 15.44 -1.33
CA PHE A 313 -5.07 16.30 -1.08
C PHE A 313 -5.46 17.03 -2.34
N PRO A 314 -6.75 17.08 -2.68
CA PRO A 314 -7.80 16.41 -1.90
C PRO A 314 -8.19 15.05 -2.49
N ASN A 315 -7.39 14.54 -3.42
CA ASN A 315 -7.77 13.35 -4.18
C ASN A 315 -7.95 12.11 -3.31
N GLY A 316 -7.48 12.13 -2.07
CA GLY A 316 -7.51 10.94 -1.24
C GLY A 316 -6.57 9.91 -1.81
N ARG A 317 -7.09 8.77 -2.24
CA ARG A 317 -6.28 7.76 -2.91
C ARG A 317 -6.39 7.83 -4.42
N GLY A 318 -7.16 8.79 -4.93
CA GLY A 318 -7.30 8.92 -6.38
C GLY A 318 -5.96 9.18 -7.05
N ILE A 319 -5.85 8.69 -8.29
CA ILE A 319 -4.59 8.77 -9.01
C ILE A 319 -4.20 10.22 -9.22
N ASN A 320 -2.91 10.52 -9.05
CA ASN A 320 -2.38 11.87 -9.16
C ASN A 320 -1.11 11.82 -9.98
N LEU A 321 -1.25 11.88 -11.31
CA LEU A 321 -0.08 11.85 -12.17
C LEU A 321 0.88 13.00 -11.91
N PRO A 322 0.44 14.24 -11.65
CA PRO A 322 1.41 15.28 -11.27
C PRO A 322 2.21 14.93 -10.03
N MET A 323 1.53 14.52 -8.95
CA MET A 323 2.28 14.20 -7.73
C MET A 323 3.20 13.01 -7.92
N ASN A 324 2.81 12.03 -8.74
CA ASN A 324 3.70 10.89 -8.99
C ASN A 324 5.04 11.37 -9.56
N THR A 325 5.00 12.23 -10.57
CA THR A 325 6.26 12.72 -11.13
C THR A 325 7.02 13.55 -10.11
N LYS A 326 6.31 14.36 -9.33
CA LYS A 326 6.99 15.17 -8.32
C LYS A 326 7.61 14.28 -7.25
N ASP A 327 6.92 13.18 -6.90
CA ASP A 327 7.49 12.22 -5.97
C ASP A 327 8.79 11.64 -6.50
N ILE A 328 8.80 11.22 -7.77
CA ILE A 328 10.01 10.66 -8.38
C ILE A 328 11.13 11.68 -8.39
N SER A 329 10.81 12.94 -8.75
CA SER A 329 11.84 13.99 -8.76
C SER A 329 12.43 14.17 -7.37
N ILE A 330 11.58 14.15 -6.34
CA ILE A 330 12.06 14.31 -4.98
C ILE A 330 12.94 13.14 -4.58
N MET A 331 12.57 11.92 -4.99
CA MET A 331 13.40 10.76 -4.67
C MET A 331 14.76 10.88 -5.34
N LYS A 332 14.80 11.29 -6.61
CA LYS A 332 16.09 11.48 -7.28
C LYS A 332 16.86 12.64 -6.68
N TRP A 333 16.15 13.66 -6.18
CA TRP A 333 16.78 14.71 -5.42
C TRP A 333 17.40 14.17 -4.13
N GLN A 334 16.75 13.19 -3.50
CA GLN A 334 17.19 12.67 -2.21
C GLN A 334 18.14 11.49 -2.34
N HIS A 335 18.49 11.09 -3.56
CA HIS A 335 19.41 9.98 -3.80
C HIS A 335 18.83 8.65 -3.29
N ALA A 336 17.54 8.45 -3.50
CA ALA A 336 16.85 7.22 -3.20
C ALA A 336 16.70 6.38 -4.47
N ASN A 337 16.49 5.08 -4.28
CA ASN A 337 16.38 4.17 -5.42
C ASN A 337 15.16 3.27 -5.40
N SER A 338 14.45 3.16 -4.28
CA SER A 338 13.39 2.16 -4.18
C SER A 338 12.25 2.67 -3.32
N PHE A 339 11.10 2.03 -3.48
CA PHE A 339 10.02 2.18 -2.54
C PHE A 339 9.12 0.95 -2.64
N ARG A 340 8.17 0.86 -1.71
CA ARG A 340 7.26 -0.27 -1.64
C ARG A 340 5.82 0.22 -1.77
N THR A 341 5.01 -0.51 -2.52
CA THR A 341 3.63 -0.13 -2.76
C THR A 341 2.76 -0.47 -1.55
N SER A 342 3.17 0.06 -0.40
CA SER A 342 2.40 -0.11 0.82
C SER A 342 1.14 0.75 0.78
N HIS A 343 -0.01 0.17 1.13
CA HIS A 343 -0.15 -1.26 1.42
C HIS A 343 -1.12 -1.86 0.41
N TYR A 344 -0.87 -1.62 -0.88
CA TYR A 344 -1.82 -1.97 -1.93
C TYR A 344 -1.12 -1.74 -3.27
N PRO A 345 -1.50 -2.43 -4.33
CA PRO A 345 -0.88 -2.16 -5.63
C PRO A 345 -1.27 -0.76 -6.12
N TYR A 346 -0.30 -0.05 -6.68
CA TYR A 346 -0.53 1.32 -7.11
C TYR A 346 -1.16 1.34 -8.50
N SER A 347 -1.17 2.51 -9.14
CA SER A 347 -1.73 2.63 -10.47
C SER A 347 -0.75 2.07 -11.51
N GLU A 348 -1.31 1.67 -12.65
CA GLU A 348 -0.48 1.21 -13.75
C GLU A 348 0.46 2.31 -14.23
N GLU A 349 -0.04 3.55 -14.27
CA GLU A 349 0.78 4.67 -14.73
C GLU A 349 1.99 4.90 -13.82
N MET A 350 1.80 4.77 -12.51
CA MET A 350 2.93 4.92 -11.60
C MET A 350 3.97 3.81 -11.81
N MET A 351 3.52 2.59 -12.15
CA MET A 351 4.47 1.50 -12.36
C MET A 351 5.31 1.74 -13.60
N ARG A 352 4.67 2.16 -14.70
CA ARG A 352 5.41 2.46 -15.92
C ARG A 352 6.38 3.61 -15.72
N LEU A 353 6.02 4.58 -14.87
CA LEU A 353 6.94 5.68 -14.59
C LEU A 353 8.20 5.19 -13.92
N CYS A 354 8.09 4.24 -12.99
CA CYS A 354 9.28 3.69 -12.36
C CYS A 354 10.10 2.90 -13.36
N ASP A 355 9.44 2.32 -14.37
CA ASP A 355 10.16 1.69 -15.47
C ASP A 355 10.97 2.73 -16.25
N GLU A 356 10.33 3.85 -16.59
CA GLU A 356 11.00 4.93 -17.31
C GLU A 356 12.09 5.57 -16.45
N GLU A 357 11.80 5.80 -15.17
CA GLU A 357 12.71 6.55 -14.32
C GLU A 357 13.71 5.67 -13.60
N GLY A 358 13.57 4.35 -13.69
CA GLY A 358 14.53 3.45 -13.09
C GLY A 358 14.44 3.42 -11.59
N ILE A 359 13.22 3.23 -11.07
CA ILE A 359 12.97 3.20 -9.64
C ILE A 359 12.58 1.78 -9.25
N VAL A 360 13.33 1.20 -8.31
CA VAL A 360 13.04 -0.17 -7.85
C VAL A 360 11.78 -0.17 -7.00
N VAL A 361 10.89 -1.10 -7.29
CA VAL A 361 9.60 -1.17 -6.60
C VAL A 361 9.44 -2.55 -5.98
N ILE A 362 8.78 -2.58 -4.83
CA ILE A 362 8.38 -3.82 -4.18
C ILE A 362 6.87 -3.85 -4.23
N ASP A 363 6.32 -4.63 -5.16
CA ASP A 363 4.88 -4.70 -5.32
C ASP A 363 4.25 -5.45 -4.16
N GLU A 364 3.14 -4.91 -3.64
CA GLU A 364 2.48 -5.45 -2.46
C GLU A 364 0.99 -5.57 -2.72
N THR A 365 0.37 -6.60 -2.15
CA THR A 365 -1.05 -6.83 -2.34
C THR A 365 -1.87 -5.99 -1.37
N THR A 366 -3.19 -6.16 -1.43
CA THR A 366 -4.11 -5.44 -0.56
C THR A 366 -4.30 -6.17 0.76
N ALA A 367 -3.30 -6.97 1.17
CA ALA A 367 -3.46 -7.86 2.31
C ALA A 367 -2.83 -7.24 3.55
N VAL A 368 -3.44 -6.16 4.03
CA VAL A 368 -3.03 -5.53 5.29
C VAL A 368 -4.16 -5.69 6.28
N GLY A 369 -3.81 -5.94 7.54
CA GLY A 369 -4.79 -6.15 8.58
C GLY A 369 -5.24 -7.58 8.81
N VAL A 370 -4.54 -8.57 8.25
CA VAL A 370 -4.85 -9.96 8.60
C VAL A 370 -4.10 -10.28 9.89
N ASN A 371 -4.48 -9.58 10.96
CA ASN A 371 -3.82 -9.67 12.26
C ASN A 371 -4.80 -9.08 13.25
N LEU A 372 -5.50 -9.96 13.99
CA LEU A 372 -6.54 -9.51 14.90
C LEU A 372 -6.04 -9.37 16.32
N GLN A 373 -4.74 -9.09 16.49
CA GLN A 373 -4.21 -8.68 17.78
C GLN A 373 -4.21 -7.17 17.97
N PHE A 374 -4.49 -6.40 16.92
CA PHE A 374 -4.81 -4.99 17.08
C PHE A 374 -6.29 -4.83 17.39
N GLY A 375 -6.62 -4.03 18.41
CA GLY A 375 -5.66 -3.30 19.23
C GLY A 375 -4.98 -4.04 20.39
N GLY A 376 -5.75 -4.54 21.36
CA GLY A 376 -7.20 -4.45 21.38
C GLY A 376 -7.82 -5.84 21.34
N GLY A 377 -8.19 -6.29 20.15
CA GLY A 377 -8.61 -7.66 19.92
C GLY A 377 -10.13 -7.79 19.79
N ALA A 378 -10.54 -8.99 19.37
CA ALA A 378 -11.95 -9.32 19.19
C ALA A 378 -12.27 -10.60 19.94
N ASN A 379 -13.39 -10.60 20.66
CA ASN A 379 -13.82 -11.73 21.46
C ASN A 379 -15.08 -12.35 20.87
N PHE A 380 -15.18 -13.68 21.00
CA PHE A 380 -16.35 -14.42 20.56
C PHE A 380 -17.18 -14.88 21.75
N GLY A 381 -16.70 -15.84 22.54
CA GLY A 381 -17.43 -16.30 23.69
C GLY A 381 -16.71 -15.99 24.98
N GLY A 382 -16.62 -14.70 25.32
CA GLY A 382 -15.85 -14.27 26.46
C GLY A 382 -14.36 -14.53 26.35
N GLU A 383 -13.87 -14.94 25.19
CA GLU A 383 -12.46 -15.24 24.99
C GLU A 383 -11.99 -14.64 23.67
N ARG A 384 -10.75 -14.16 23.66
CA ARG A 384 -10.19 -13.58 22.45
C ARG A 384 -9.96 -14.66 21.40
N ILE A 385 -10.21 -14.33 20.15
CA ILE A 385 -10.08 -15.29 19.07
C ILE A 385 -8.75 -15.03 18.35
N GLY A 386 -8.15 -16.10 17.87
CA GLY A 386 -6.93 -15.96 17.10
C GLY A 386 -7.23 -15.47 15.70
N THR A 387 -6.15 -15.04 15.03
CA THR A 387 -6.29 -14.46 13.70
C THR A 387 -6.84 -15.48 12.71
N PHE A 388 -6.23 -16.65 12.64
CA PHE A 388 -6.59 -17.64 11.64
C PHE A 388 -7.56 -18.70 12.17
N ASP A 389 -8.37 -18.33 13.15
CA ASP A 389 -9.53 -19.13 13.52
C ASP A 389 -10.40 -19.37 12.29
N LYS A 390 -10.66 -20.64 11.99
CA LYS A 390 -11.39 -20.98 10.77
C LYS A 390 -12.87 -20.59 10.86
N GLU A 391 -13.42 -20.51 12.07
CA GLU A 391 -14.84 -20.23 12.22
C GLU A 391 -15.13 -18.74 12.41
N HIS A 392 -14.34 -18.05 13.23
CA HIS A 392 -14.60 -16.65 13.53
C HIS A 392 -13.52 -15.68 13.08
N GLY A 393 -12.35 -16.17 12.66
CA GLY A 393 -11.27 -15.31 12.23
C GLY A 393 -11.42 -14.80 10.81
N VAL A 394 -10.28 -14.61 10.15
CA VAL A 394 -10.26 -14.02 8.82
C VAL A 394 -10.82 -14.98 7.79
N GLN A 395 -11.60 -14.45 6.86
CA GLN A 395 -12.15 -15.23 5.75
C GLN A 395 -11.64 -14.70 4.42
N THR A 396 -10.33 -14.48 4.33
CA THR A 396 -9.75 -13.74 3.21
C THR A 396 -8.84 -14.59 2.31
N GLN A 397 -8.69 -15.88 2.59
CA GLN A 397 -7.65 -16.66 1.92
C GLN A 397 -7.87 -16.78 0.44
N GLU A 398 -9.05 -17.23 0.06
CA GLU A 398 -9.30 -17.44 -1.35
C GLU A 398 -9.35 -16.12 -2.11
N HIS A 399 -9.69 -15.03 -1.43
CA HIS A 399 -9.56 -13.71 -2.04
C HIS A 399 -8.11 -13.24 -2.03
N HIS A 400 -7.32 -13.67 -1.06
CA HIS A 400 -5.92 -13.28 -1.02
C HIS A 400 -5.16 -13.81 -2.23
N LYS A 401 -5.45 -15.05 -2.66
CA LYS A 401 -4.78 -15.54 -3.85
C LYS A 401 -5.39 -14.98 -5.12
N ASP A 402 -6.70 -14.68 -5.10
CA ASP A 402 -7.28 -13.98 -6.23
C ASP A 402 -6.57 -12.66 -6.48
N VAL A 403 -6.19 -11.96 -5.40
CA VAL A 403 -5.45 -10.71 -5.56
C VAL A 403 -4.03 -10.99 -6.03
N ILE A 404 -3.42 -12.08 -5.56
CA ILE A 404 -2.05 -12.40 -5.97
C ILE A 404 -2.00 -12.73 -7.46
N ARG A 405 -2.96 -13.54 -7.93
CA ARG A 405 -2.97 -13.89 -9.35
C ARG A 405 -3.45 -12.73 -10.22
N ASP A 406 -4.23 -11.80 -9.67
CA ASP A 406 -4.62 -10.61 -10.43
C ASP A 406 -3.48 -9.60 -10.49
N LEU A 407 -2.76 -9.42 -9.38
CA LEU A 407 -1.61 -8.52 -9.36
C LEU A 407 -0.53 -8.99 -10.32
N ILE A 408 -0.07 -10.22 -10.16
CA ILE A 408 1.06 -10.68 -10.96
C ILE A 408 0.70 -10.68 -12.44
N SER A 409 -0.57 -10.93 -12.77
CA SER A 409 -1.01 -10.83 -14.17
C SER A 409 -0.90 -9.41 -14.72
N ARG A 410 -0.84 -8.40 -13.86
CA ARG A 410 -0.81 -7.01 -14.31
C ARG A 410 0.60 -6.50 -14.48
N ASP A 411 1.47 -6.76 -13.51
CA ASP A 411 2.82 -6.24 -13.52
C ASP A 411 3.83 -7.35 -13.85
N LYS A 412 3.46 -8.26 -14.74
CA LYS A 412 4.35 -9.37 -15.09
C LYS A 412 5.64 -8.86 -15.70
N ASN A 413 5.56 -7.76 -16.47
CA ASN A 413 6.64 -7.34 -17.34
C ASN A 413 7.32 -6.07 -16.89
N HIS A 414 6.88 -5.46 -15.77
CA HIS A 414 7.52 -4.26 -15.25
C HIS A 414 8.90 -4.61 -14.71
N ALA A 415 9.95 -4.15 -15.38
CA ALA A 415 11.31 -4.37 -14.90
C ALA A 415 11.56 -3.72 -13.54
N CYS A 416 10.72 -2.76 -13.15
CA CYS A 416 10.90 -2.12 -11.85
C CYS A 416 10.44 -3.02 -10.71
N VAL A 417 9.40 -3.83 -10.96
CA VAL A 417 8.96 -4.82 -9.98
C VAL A 417 10.09 -5.80 -9.73
N VAL A 418 10.49 -5.93 -8.47
CA VAL A 418 11.74 -6.59 -8.14
C VAL A 418 11.47 -7.68 -7.10
N MET A 419 10.41 -7.51 -6.33
CA MET A 419 10.07 -8.48 -5.30
C MET A 419 8.59 -8.31 -4.97
N TRP A 420 7.93 -9.42 -4.62
CA TRP A 420 6.54 -9.40 -4.24
C TRP A 420 6.40 -9.41 -2.72
N SER A 421 5.32 -8.77 -2.24
CA SER A 421 5.00 -8.74 -0.82
C SER A 421 3.58 -9.26 -0.67
N ILE A 422 3.46 -10.43 -0.03
CA ILE A 422 2.19 -11.14 0.02
C ILE A 422 1.23 -10.44 0.97
N ALA A 423 1.74 -9.92 2.09
CA ALA A 423 0.89 -9.24 3.05
C ALA A 423 1.72 -8.28 3.86
N ASN A 424 1.08 -7.24 4.38
CA ASN A 424 1.74 -6.29 5.28
C ASN A 424 1.34 -6.62 6.71
N GLU A 425 2.34 -6.89 7.53
CA GLU A 425 2.18 -7.03 8.98
C GLU A 425 1.08 -8.01 9.37
N PRO A 426 1.15 -9.27 8.94
CA PRO A 426 0.15 -10.25 9.33
C PRO A 426 0.53 -10.89 10.66
N ASP A 427 -0.43 -11.62 11.22
CA ASP A 427 -0.18 -12.39 12.44
C ASP A 427 0.68 -13.61 12.10
N SER A 428 1.93 -13.37 11.71
CA SER A 428 2.75 -14.42 11.12
C SER A 428 3.35 -15.36 12.16
N ALA A 429 3.32 -15.02 13.45
CA ALA A 429 3.84 -15.87 14.50
C ALA A 429 2.73 -16.51 15.32
N ALA A 430 1.58 -16.77 14.70
CA ALA A 430 0.42 -17.29 15.39
C ALA A 430 0.04 -18.64 14.79
N GLU A 431 -0.80 -19.38 15.52
CA GLU A 431 -1.30 -20.66 15.03
C GLU A 431 -2.08 -20.46 13.74
N GLY A 432 -1.84 -21.32 12.77
CA GLY A 432 -2.52 -21.23 11.51
C GLY A 432 -1.89 -20.30 10.51
N ALA A 433 -0.84 -19.59 10.89
CA ALA A 433 -0.21 -18.62 10.01
C ALA A 433 0.50 -19.31 8.85
N TYR A 434 1.20 -20.41 9.11
CA TYR A 434 1.92 -21.11 8.06
C TYR A 434 0.97 -21.67 7.01
N ASP A 435 -0.07 -22.38 7.44
CA ASP A 435 -0.98 -23.02 6.49
C ASP A 435 -1.79 -22.00 5.69
N TYR A 436 -1.89 -20.76 6.17
CA TYR A 436 -2.59 -19.71 5.43
C TYR A 436 -1.73 -19.15 4.29
N PHE A 437 -0.44 -18.94 4.57
CA PHE A 437 0.45 -18.26 3.62
C PHE A 437 1.18 -19.21 2.68
N LYS A 438 1.32 -20.48 3.03
CA LYS A 438 1.98 -21.43 2.14
C LYS A 438 1.33 -21.51 0.76
N PRO A 439 0.01 -21.70 0.63
CA PRO A 439 -0.56 -21.77 -0.73
C PRO A 439 -0.49 -20.45 -1.48
N LEU A 440 -0.47 -19.32 -0.76
CA LEU A 440 -0.32 -18.02 -1.44
C LEU A 440 1.13 -17.79 -1.87
N TYR A 441 2.08 -18.12 -1.02
CA TYR A 441 3.49 -18.03 -1.38
C TYR A 441 3.80 -18.87 -2.61
N ASP A 442 3.36 -20.13 -2.61
CA ASP A 442 3.67 -21.02 -3.74
C ASP A 442 3.10 -20.46 -5.03
N LEU A 443 1.87 -19.96 -4.97
CA LEU A 443 1.23 -19.31 -6.12
C LEU A 443 2.08 -18.18 -6.64
N ALA A 444 2.68 -17.39 -5.74
CA ALA A 444 3.48 -16.25 -6.16
C ALA A 444 4.66 -16.70 -7.01
N ARG A 445 5.36 -17.77 -6.58
CA ARG A 445 6.43 -18.32 -7.40
C ARG A 445 5.90 -19.06 -8.62
N GLU A 446 4.65 -19.53 -8.58
CA GLU A 446 4.11 -20.29 -9.69
C GLU A 446 3.86 -19.41 -10.92
N LEU A 447 3.39 -18.18 -10.73
CA LEU A 447 2.95 -17.31 -11.82
C LEU A 447 3.90 -16.18 -12.13
N ASP A 448 4.97 -16.04 -11.37
CA ASP A 448 5.96 -15.06 -11.73
C ASP A 448 6.93 -15.71 -12.70
N PRO A 449 6.82 -15.44 -14.01
CA PRO A 449 7.73 -16.06 -14.97
C PRO A 449 9.19 -15.72 -14.73
N GLN A 450 9.48 -14.69 -13.94
CA GLN A 450 10.85 -14.35 -13.63
C GLN A 450 11.35 -14.98 -12.34
N LYS A 451 10.48 -15.65 -11.56
CA LYS A 451 10.86 -16.23 -10.28
C LYS A 451 11.47 -15.17 -9.36
N ARG A 452 10.80 -14.02 -9.30
CA ARG A 452 11.25 -12.92 -8.45
C ARG A 452 11.09 -13.30 -6.98
N PRO A 453 11.93 -12.73 -6.10
CA PRO A 453 11.79 -13.01 -4.67
C PRO A 453 10.42 -12.64 -4.13
N CYS A 454 9.96 -13.38 -3.13
CA CYS A 454 8.70 -13.12 -2.46
C CYS A 454 8.96 -12.98 -0.97
N THR A 455 8.13 -12.17 -0.31
CA THR A 455 8.33 -11.91 1.12
C THR A 455 7.03 -11.48 1.75
N LEU A 456 7.14 -11.09 3.02
CA LEU A 456 6.07 -10.43 3.76
C LEU A 456 6.73 -9.57 4.83
N VAL A 457 6.12 -8.44 5.12
CA VAL A 457 6.68 -7.49 6.09
C VAL A 457 6.11 -7.79 7.46
N SER A 458 6.99 -7.91 8.46
CA SER A 458 6.64 -8.48 9.76
C SER A 458 6.41 -7.42 10.82
N VAL A 459 5.39 -7.62 11.65
CA VAL A 459 5.07 -6.70 12.77
C VAL A 459 6.19 -6.74 13.79
N GLN A 460 6.25 -5.68 14.61
CA GLN A 460 7.03 -5.72 15.83
C GLN A 460 6.62 -6.93 16.68
N GLY A 461 7.57 -7.44 17.47
CA GLY A 461 7.34 -8.61 18.29
C GLY A 461 7.69 -9.92 17.63
N THR A 462 7.84 -9.94 16.31
CA THR A 462 8.26 -11.12 15.60
C THR A 462 9.75 -11.38 15.82
N THR A 463 10.09 -12.65 16.03
CA THR A 463 11.47 -13.09 16.08
C THR A 463 11.73 -14.04 14.93
N ALA A 464 13.02 -14.29 14.67
CA ALA A 464 13.43 -15.20 13.61
C ALA A 464 12.88 -16.61 13.81
N ASP A 465 12.71 -17.05 15.06
CA ASP A 465 12.23 -18.40 15.30
C ASP A 465 10.74 -18.53 15.08
N THR A 466 9.95 -17.53 15.48
CA THR A 466 8.51 -17.68 15.45
C THR A 466 7.86 -17.20 14.15
N ASP A 467 8.57 -16.46 13.30
CA ASP A 467 7.96 -15.92 12.10
C ASP A 467 7.89 -16.97 11.01
N CYS A 468 6.69 -17.23 10.52
CA CYS A 468 6.56 -18.12 9.36
C CYS A 468 7.23 -17.55 8.12
N SER A 469 7.54 -16.24 8.12
CA SER A 469 8.32 -15.66 7.03
C SER A 469 9.78 -16.11 7.05
N SER A 470 10.25 -16.65 8.18
CA SER A 470 11.64 -17.08 8.25
C SER A 470 11.94 -18.19 7.25
N GLN A 471 10.93 -18.98 6.88
CA GLN A 471 11.10 -20.08 5.94
C GLN A 471 10.57 -19.76 4.56
N LEU A 472 9.39 -19.15 4.48
CA LEU A 472 8.74 -18.96 3.19
C LEU A 472 9.37 -17.86 2.35
N SER A 473 9.93 -16.83 2.99
CA SER A 473 10.37 -15.64 2.28
C SER A 473 11.83 -15.76 1.85
N ASP A 474 12.12 -15.27 0.64
CA ASP A 474 13.51 -15.17 0.20
C ASP A 474 14.24 -14.05 0.92
N VAL A 475 13.54 -12.94 1.20
CA VAL A 475 14.12 -11.79 1.88
C VAL A 475 13.29 -11.52 3.13
N ILE A 476 13.99 -11.23 4.24
CA ILE A 476 13.33 -10.84 5.49
C ILE A 476 13.09 -9.34 5.46
N CYS A 477 11.82 -8.93 5.52
CA CYS A 477 11.41 -7.53 5.49
C CYS A 477 10.77 -7.14 6.82
N LEU A 478 11.47 -6.32 7.61
CA LEU A 478 11.05 -5.97 8.96
C LEU A 478 10.42 -4.57 9.01
N ASN A 479 9.44 -4.42 9.91
CA ASN A 479 8.83 -3.14 10.28
C ASN A 479 9.08 -2.96 11.77
N ARG A 480 10.15 -2.23 12.11
CA ARG A 480 10.59 -2.12 13.49
C ARG A 480 10.57 -0.65 13.92
N TYR A 481 10.23 -0.42 15.18
CA TYR A 481 10.08 0.93 15.71
C TYR A 481 10.85 1.10 17.01
N TYR A 482 12.06 0.58 17.02
CA TYR A 482 12.95 0.78 18.16
C TYR A 482 13.28 2.26 18.24
N GLY A 483 12.83 2.91 19.32
CA GLY A 483 13.01 4.34 19.49
C GLY A 483 11.73 5.15 19.35
N TRP A 484 10.61 4.48 19.05
CA TRP A 484 9.31 5.13 19.02
C TRP A 484 8.34 4.28 19.83
N TYR A 485 7.59 3.41 19.16
CA TYR A 485 6.64 2.54 19.86
C TYR A 485 7.32 1.73 20.94
N PHE A 486 8.58 1.33 20.73
CA PHE A 486 9.36 0.61 21.72
C PHE A 486 10.53 1.48 22.16
N GLY A 487 10.55 1.84 23.45
CA GLY A 487 11.70 2.46 24.06
C GLY A 487 11.68 3.97 24.11
N GLY A 488 11.03 4.62 23.16
CA GLY A 488 11.00 6.06 23.10
C GLY A 488 10.43 6.65 24.38
N PRO A 489 11.07 7.70 24.92
CA PRO A 489 12.16 8.43 24.28
C PRO A 489 13.59 7.99 24.65
N ASP A 490 13.79 6.74 25.08
CA ASP A 490 15.11 6.27 25.47
C ASP A 490 15.79 5.66 24.26
N LEU A 491 16.57 6.48 23.55
CA LEU A 491 17.22 6.01 22.32
C LEU A 491 18.37 5.07 22.62
N GLU A 492 18.98 5.17 23.81
CA GLU A 492 20.05 4.26 24.18
C GLU A 492 19.51 2.86 24.42
N VAL A 493 18.47 2.75 25.26
CA VAL A 493 17.85 1.44 25.51
C VAL A 493 17.30 0.85 24.21
N SER A 494 16.68 1.69 23.38
CA SER A 494 16.12 1.20 22.12
C SER A 494 17.21 0.70 21.19
N GLU A 495 18.44 1.24 21.31
CA GLU A 495 19.55 0.77 20.49
C GLU A 495 19.97 -0.64 20.89
N ILE A 496 20.01 -0.90 22.20
CA ILE A 496 20.33 -2.24 22.71
C ILE A 496 19.35 -3.26 22.14
N GLY A 497 18.06 -2.92 22.10
CA GLY A 497 17.09 -3.87 21.61
C GLY A 497 17.19 -4.11 20.13
N LEU A 498 17.38 -3.04 19.34
CA LEU A 498 17.49 -3.19 17.90
C LEU A 498 18.67 -4.06 17.52
N ARG A 499 19.81 -3.87 18.19
CA ARG A 499 20.97 -4.71 17.91
C ARG A 499 20.71 -6.16 18.32
N LYS A 500 20.04 -6.37 19.45
CA LYS A 500 19.79 -7.72 19.92
C LYS A 500 18.89 -8.48 18.96
N GLU A 501 17.83 -7.84 18.46
CA GLU A 501 16.96 -8.54 17.53
C GLU A 501 17.62 -8.67 16.15
N LEU A 502 18.42 -7.68 15.75
CA LEU A 502 19.03 -7.73 14.43
C LEU A 502 20.10 -8.81 14.36
N SER A 503 20.89 -8.96 15.43
CA SER A 503 21.86 -10.05 15.48
C SER A 503 21.17 -11.40 15.31
N ASP A 504 20.04 -11.60 16.00
CA ASP A 504 19.35 -12.87 15.92
C ASP A 504 18.79 -13.13 14.53
N TRP A 505 18.45 -12.07 13.78
CA TRP A 505 17.92 -12.29 12.45
C TRP A 505 19.01 -12.75 11.48
N GLY A 506 20.28 -12.52 11.80
CA GLY A 506 21.36 -13.00 10.95
C GLY A 506 21.56 -14.50 10.97
N LYS A 507 20.93 -15.21 11.91
CA LYS A 507 21.09 -16.66 12.01
C LYS A 507 20.54 -17.39 10.78
N LEU A 508 19.74 -16.72 9.96
CA LEU A 508 19.07 -17.36 8.84
C LEU A 508 19.89 -17.36 7.56
N GLY A 509 20.99 -16.61 7.52
CA GLY A 509 21.76 -16.48 6.29
C GLY A 509 20.98 -15.94 5.12
N LYS A 510 19.96 -15.14 5.37
CA LYS A 510 19.15 -14.50 4.34
C LYS A 510 19.35 -13.00 4.36
N PRO A 511 18.95 -12.30 3.28
CA PRO A 511 19.00 -10.84 3.33
C PRO A 511 17.89 -10.30 4.23
N VAL A 512 18.28 -9.39 5.12
CA VAL A 512 17.34 -8.67 5.99
C VAL A 512 17.17 -7.26 5.44
N MET A 513 15.95 -6.75 5.48
CA MET A 513 15.66 -5.44 4.91
C MET A 513 14.61 -4.76 5.77
N PHE A 514 14.90 -3.54 6.23
CA PHE A 514 13.93 -2.76 6.99
C PHE A 514 13.00 -2.01 6.03
N THR A 515 11.72 -2.34 6.07
CA THR A 515 10.72 -1.71 5.22
C THR A 515 9.95 -0.59 5.93
N GLU A 516 10.11 -0.46 7.24
CA GLU A 516 9.41 0.57 8.00
C GLU A 516 10.22 0.86 9.26
N TYR A 517 10.49 2.14 9.48
CA TYR A 517 11.01 2.62 10.76
C TYR A 517 10.89 4.14 10.74
N GLY A 518 10.37 4.72 11.81
CA GLY A 518 10.08 6.14 11.79
C GLY A 518 9.51 6.59 13.11
N ALA A 519 9.39 7.91 13.25
CA ALA A 519 8.86 8.55 14.44
C ALA A 519 7.97 9.70 13.97
N ASP A 520 6.77 9.79 14.56
CA ASP A 520 5.84 10.86 14.21
C ASP A 520 6.48 12.21 14.50
N THR A 521 6.42 13.10 13.51
CA THR A 521 7.07 14.39 13.59
C THR A 521 6.15 15.42 12.96
N VAL A 522 5.69 16.37 13.76
CA VAL A 522 4.89 17.47 13.24
C VAL A 522 5.84 18.57 12.77
N SER A 523 5.79 18.87 11.47
CA SER A 523 6.64 19.89 10.89
C SER A 523 6.49 21.22 11.62
N GLY A 524 7.60 21.74 12.11
CA GLY A 524 7.65 23.02 12.81
C GLY A 524 8.09 22.92 14.25
N LEU A 525 7.94 21.76 14.88
CA LEU A 525 8.30 21.58 16.29
C LEU A 525 9.78 21.28 16.41
N HIS A 526 10.48 22.07 17.21
CA HIS A 526 11.93 21.98 17.33
C HIS A 526 12.32 22.12 18.80
N ASP A 527 13.50 21.59 19.13
CA ASP A 527 14.14 21.87 20.41
C ASP A 527 15.60 21.46 20.30
N THR A 528 16.49 22.26 20.91
CA THR A 528 17.91 21.89 20.90
C THR A 528 18.14 20.65 21.74
N THR A 529 17.39 20.50 22.83
CA THR A 529 17.33 19.25 23.60
C THR A 529 16.03 18.56 23.18
N SER A 530 16.15 17.67 22.21
CA SER A 530 14.98 17.15 21.49
C SER A 530 14.05 16.39 22.43
N VAL A 531 12.77 16.39 22.07
CA VAL A 531 11.75 15.54 22.67
C VAL A 531 10.94 14.92 21.54
N MET A 532 10.13 13.92 21.88
CA MET A 532 9.35 13.22 20.86
C MET A 532 8.44 14.21 20.14
N TYR A 533 8.23 13.96 18.85
CA TYR A 533 7.39 14.70 17.90
C TYR A 533 8.11 15.90 17.29
N THR A 534 9.30 16.26 17.74
CA THR A 534 10.06 17.34 17.13
C THR A 534 10.88 16.83 15.95
N GLU A 535 11.35 17.76 15.12
CA GLU A 535 12.16 17.38 13.97
C GLU A 535 13.53 16.88 14.39
N GLU A 536 14.07 17.37 15.51
CA GLU A 536 15.37 16.90 15.98
C GLU A 536 15.31 15.44 16.42
N TYR A 537 14.27 15.08 17.19
CA TYR A 537 14.13 13.70 17.63
C TYR A 537 14.04 12.75 16.45
N GLN A 538 13.36 13.17 15.38
CA GLN A 538 13.24 12.30 14.22
C GLN A 538 14.60 12.01 13.60
N VAL A 539 15.47 13.03 13.53
CA VAL A 539 16.79 12.80 12.96
C VAL A 539 17.60 11.89 13.87
N GLU A 540 17.54 12.12 15.19
CA GLU A 540 18.27 11.27 16.13
C GLU A 540 17.76 9.83 16.08
N TYR A 541 16.44 9.66 15.95
CA TYR A 541 15.88 8.32 15.82
C TYR A 541 16.48 7.59 14.62
N TYR A 542 16.57 8.28 13.49
CA TYR A 542 17.09 7.62 12.30
C TYR A 542 18.60 7.43 12.40
N GLU A 543 19.30 8.33 13.09
CA GLU A 543 20.74 8.17 13.25
C GLU A 543 21.06 6.90 14.02
N MET A 544 20.39 6.69 15.15
CA MET A 544 20.60 5.47 15.93
C MET A 544 20.32 4.23 15.11
N ASN A 545 19.13 4.16 14.50
CA ASN A 545 18.77 3.00 13.71
C ASN A 545 19.78 2.75 12.60
N ASN A 546 20.07 3.77 11.79
CA ASN A 546 21.02 3.60 10.69
C ASN A 546 22.39 3.16 11.17
N LYS A 547 22.80 3.61 12.36
CA LYS A 547 24.09 3.19 12.91
C LYS A 547 24.12 1.69 13.13
N VAL A 548 23.02 1.11 13.65
CA VAL A 548 22.97 -0.32 13.86
C VAL A 548 22.85 -1.07 12.53
N PHE A 549 22.12 -0.50 11.56
CA PHE A 549 22.01 -1.14 10.25
C PHE A 549 23.38 -1.33 9.61
N ASP A 550 24.26 -0.33 9.76
CA ASP A 550 25.58 -0.38 9.15
C ASP A 550 26.51 -1.38 9.82
N GLU A 551 26.10 -2.00 10.92
CA GLU A 551 26.94 -2.96 11.63
C GLU A 551 26.83 -4.36 11.09
N PHE A 552 25.81 -4.66 10.29
CA PHE A 552 25.51 -6.00 9.84
C PHE A 552 25.52 -6.05 8.32
N ASP A 553 26.36 -6.92 7.76
CA ASP A 553 26.48 -7.04 6.31
C ASP A 553 25.31 -7.75 5.65
N PHE A 554 24.38 -8.33 6.41
CA PHE A 554 23.26 -9.03 5.82
C PHE A 554 22.03 -8.16 5.63
N VAL A 555 22.04 -6.92 6.11
CA VAL A 555 20.95 -6.00 5.77
C VAL A 555 21.23 -5.42 4.39
N VAL A 556 20.21 -5.45 3.54
CA VAL A 556 20.36 -5.08 2.14
C VAL A 556 19.46 -3.90 1.76
N GLY A 557 19.01 -3.14 2.76
CA GLY A 557 18.20 -1.99 2.45
C GLY A 557 17.56 -1.31 3.62
N GLU A 558 17.32 0.00 3.49
CA GLU A 558 16.57 0.76 4.47
C GLU A 558 15.47 1.52 3.75
N GLN A 559 14.26 1.38 4.24
CA GLN A 559 13.11 2.06 3.66
C GLN A 559 12.34 2.72 4.79
N ALA A 560 12.39 4.04 4.84
CA ALA A 560 11.80 4.75 5.96
C ALA A 560 10.28 4.77 5.83
N TRP A 561 9.63 4.92 6.98
CA TRP A 561 8.18 5.13 7.03
C TRP A 561 7.96 6.47 7.70
N ASN A 562 7.23 7.35 7.04
CA ASN A 562 6.75 7.16 5.67
C ASN A 562 7.48 8.15 4.75
N PHE A 563 7.20 8.08 3.44
CA PHE A 563 7.70 9.08 2.51
C PHE A 563 7.09 10.45 2.81
N ALA A 564 5.78 10.50 3.04
CA ALA A 564 5.09 11.75 3.30
C ALA A 564 3.96 11.49 4.29
N ASP A 565 3.56 12.55 5.00
CA ASP A 565 2.42 12.45 5.93
C ASP A 565 1.14 12.11 5.17
N PHE A 566 0.31 11.26 5.77
CA PHE A 566 -0.89 10.78 5.11
C PHE A 566 -2.04 10.68 6.11
N ALA A 567 -3.26 10.72 5.57
CA ALA A 567 -4.44 10.76 6.40
C ALA A 567 -4.79 9.37 6.93
N THR A 568 -5.21 9.32 8.19
CA THR A 568 -5.63 8.11 8.85
C THR A 568 -7.01 8.34 9.46
N SER A 569 -7.54 7.31 10.10
CA SER A 569 -8.71 7.50 10.92
C SER A 569 -8.34 8.25 12.19
N GLN A 570 -9.34 8.87 12.81
CA GLN A 570 -9.08 9.70 13.96
C GLN A 570 -8.86 8.86 15.21
N SER A 571 -7.86 9.25 16.00
CA SER A 571 -7.58 8.61 17.27
C SER A 571 -6.66 9.54 18.06
N LEU A 572 -6.55 9.28 19.36
CA LEU A 572 -5.67 10.08 20.21
C LEU A 572 -4.22 9.97 19.77
N LEU A 573 -3.84 8.86 19.13
CA LEU A 573 -2.45 8.63 18.78
C LEU A 573 -2.08 9.14 17.39
N ARG A 574 -3.00 9.78 16.68
CA ARG A 574 -2.77 10.24 15.31
C ARG A 574 -3.04 11.74 15.25
N VAL A 575 -1.99 12.52 15.06
CA VAL A 575 -2.09 13.99 15.14
C VAL A 575 -2.45 14.49 13.75
N GLN A 576 -3.75 14.45 13.44
CA GLN A 576 -4.25 14.83 12.14
C GLN A 576 -3.61 13.98 11.04
N GLY A 577 -3.68 12.67 11.24
CA GLY A 577 -3.10 11.72 10.32
C GLY A 577 -1.82 11.15 10.86
N ASN A 578 -1.15 10.40 10.00
CA ASN A 578 0.14 9.84 10.33
C ASN A 578 1.23 10.86 9.97
N LYS A 579 2.02 11.27 10.96
CA LYS A 579 3.05 12.29 10.76
C LYS A 579 4.45 11.70 10.65
N LYS A 580 4.59 10.43 10.31
CA LYS A 580 5.91 9.81 10.25
C LYS A 580 6.63 10.08 8.94
N GLY A 581 6.05 10.89 8.06
CA GLY A 581 6.69 11.14 6.78
C GLY A 581 7.95 11.97 6.92
N LEU A 582 8.90 11.71 6.02
CA LEU A 582 10.05 12.59 5.90
C LEU A 582 9.63 13.94 5.32
N PHE A 583 8.58 13.93 4.50
CA PHE A 583 7.99 15.11 3.90
C PHE A 583 6.56 15.29 4.41
N THR A 584 6.05 16.51 4.31
CA THR A 584 4.67 16.79 4.65
C THR A 584 3.75 16.25 3.57
N ARG A 585 2.43 16.34 3.78
CA ARG A 585 1.50 15.83 2.79
C ARG A 585 1.56 16.61 1.48
N ASP A 586 1.96 17.90 1.53
CA ASP A 586 2.21 18.69 0.34
C ASP A 586 3.68 18.63 -0.08
N ARG A 587 4.37 17.55 0.29
CA ARG A 587 5.70 17.20 -0.20
C ARG A 587 6.77 18.19 0.23
N LYS A 588 6.51 18.97 1.26
CA LYS A 588 7.59 19.85 1.69
C LYS A 588 8.47 19.12 2.69
N PRO A 589 9.79 19.29 2.61
CA PRO A 589 10.70 18.48 3.42
C PRO A 589 10.76 18.93 4.87
N LYS A 590 10.76 17.94 5.76
CA LYS A 590 11.18 18.15 7.13
C LYS A 590 12.70 18.02 7.22
N MET A 591 13.24 18.36 8.38
CA MET A 591 14.70 18.32 8.54
C MET A 591 15.24 16.93 8.24
N VAL A 592 14.50 15.89 8.60
CA VAL A 592 14.95 14.53 8.35
C VAL A 592 15.15 14.26 6.86
N ALA A 593 14.45 14.98 5.98
CA ALA A 593 14.60 14.72 4.56
C ALA A 593 15.96 15.13 4.05
N HIS A 594 16.55 16.18 4.65
CA HIS A 594 17.90 16.58 4.30
C HIS A 594 18.95 15.70 4.97
N TYR A 595 18.63 15.11 6.12
CA TYR A 595 19.54 14.13 6.71
C TYR A 595 19.68 12.92 5.80
N PHE A 596 18.57 12.34 5.36
CA PHE A 596 18.63 11.16 4.50
C PHE A 596 19.32 11.49 3.18
N ARG A 597 19.09 12.68 2.64
CA ARG A 597 19.72 13.07 1.38
C ARG A 597 21.24 13.06 1.50
N ASN A 598 21.76 13.54 2.63
CA ASN A 598 23.20 13.52 2.84
C ASN A 598 23.71 12.09 3.04
N ARG A 599 23.00 11.29 3.82
CA ARG A 599 23.44 9.91 4.06
C ARG A 599 23.38 9.11 2.77
N TRP A 600 22.27 9.20 2.04
CA TRP A 600 22.12 8.41 0.83
C TRP A 600 23.04 8.87 -0.29
N SER A 601 23.64 10.05 -0.18
CA SER A 601 24.52 10.51 -1.25
C SER A 601 25.84 9.78 -1.23
N THR A 602 26.24 9.25 -0.07
CA THR A 602 27.48 8.50 0.06
C THR A 602 27.28 6.99 0.00
N ILE A 603 26.04 6.53 -0.07
CA ILE A 603 25.73 5.10 -0.16
C ILE A 603 25.37 4.79 -1.61
N PRO A 604 26.16 3.97 -2.31
CA PRO A 604 25.86 3.67 -3.71
C PRO A 604 24.72 2.68 -3.84
N GLU A 605 24.29 2.49 -5.10
CA GLU A 605 23.27 1.50 -5.38
C GLU A 605 23.82 0.08 -5.27
N PHE A 606 25.07 -0.14 -5.71
CA PHE A 606 25.70 -1.45 -5.71
C PHE A 606 27.04 -1.39 -4.99
N GLY A 607 27.33 -2.44 -4.23
CA GLY A 607 28.61 -2.56 -3.56
C GLY A 607 28.69 -1.91 -2.18
N TYR A 608 27.57 -1.55 -1.59
CA TYR A 608 27.61 -0.94 -0.27
C TYR A 608 27.83 -2.02 0.79
C27 E0V B . 1.67 2.37 9.96
C19 E0V B . 0.70 -1.11 13.49
C15 E0V B . -2.45 -0.87 19.13
C20 E0V B . 1.30 -0.32 12.30
C24 E0V B . 3.11 0.02 10.77
C31 E0V B . 2.12 0.01 9.58
C26 E0V B . 2.96 2.53 10.77
C23 E0V B . 2.98 -1.76 14.09
C33 E0V B . 2.79 3.60 11.81
C29 E0V B . 1.89 1.31 8.94
C01 E0V B . 7.18 -2.90 21.37
C03 E0V B . 4.82 -2.16 21.10
C04 E0V B . 3.52 -2.14 21.68
C05 E0V B . 2.44 -1.96 20.85
C06 E0V B . 2.67 -1.82 19.48
C07 E0V B . 3.99 -1.87 19.00
C10 E0V B . 2.15 -1.51 17.13
C11 E0V B . 1.63 -1.62 18.43
C13 E0V B . -0.54 -1.37 17.58
C17 E0V B . 1.22 -1.32 16.06
C22 E0V B . 3.53 -0.89 12.94
N02 E0V B . 6.02 -2.35 21.95
N08 E0V B . 5.01 -2.03 19.81
N12 E0V B . 0.30 -1.55 18.62
N14 E0V B . -1.97 -1.30 17.82
N16 E0V B . -0.09 -1.26 16.32
N18 E0V B . 1.68 -1.19 14.63
N21 E0V B . 2.58 -0.84 11.89
O25 E0V B . 3.29 1.29 11.50
O28 E0V B . 1.31 3.59 9.38
O30 E0V B . 0.79 1.22 8.10
O32 E0V B . 2.62 -0.97 8.63
O34 E0V B . 2.39 3.27 13.00
O35 E0V B . 3.05 4.82 11.51
S09 E0V B . 3.86 -1.67 17.31
#